data_6B3K
#
_entry.id   6B3K
#
_cell.length_a   147.216
_cell.length_b   80.019
_cell.length_c   93.405
_cell.angle_alpha   90.00
_cell.angle_beta   111.47
_cell.angle_gamma   90.00
#
_symmetry.space_group_name_H-M   'C 1 2 1'
#
loop_
_entity.id
_entity.type
_entity.pdbx_description
1 polymer 'Heavy chain of Fab BL3-6'
2 polymer 'Light chain of Fab BL3-6'
3 polymer 'RNA (83-MER),RNA (83-MER)'
4 non-polymer 'MAGNESIUM ION'
5 water water
#
loop_
_entity_poly.entity_id
_entity_poly.type
_entity_poly.pdbx_seq_one_letter_code
_entity_poly.pdbx_strand_id
1 'polypeptide(L)'
;EVQLVESGGGLVQPGGSLRLSCAASGFYISYSSIHWVRQAPGKGLEWVASISPYSGSTYYADSVKGRFTISADTSKNTAY
LQMNSLRAEDTAVYYCARQGYRRRSGRGFDYWGQGTLVTVSSASTKGPSVFPLAPSSKSTSGGTAALGCLVKDYFPEPVT
VSWNSGALTSGVHTFPAVLQSSGLYSLSSVVTVPSSSLGTQTYICNVNHKPSNTKVDKKVEPKSC
;
H
2 'polypeptide(L)'
;SDIQMTQSPSSLSASVGDRVTITCRASQSVSSAVAWYQQKPGKAPKLLIYSASSLYSGVPSRFSGSRSGTDFTLTISSLQ
PEDFATYYCQQSYSFPSTFGQGTKVEIKRTVAAPSVFIFPPSDEQLKSGTASVVCLLNNFYPREAKVQWKVDNALQSGNS
QESVTEQDSKDSTYSLSSTLTLSKADYEKHKVYACEVTHQGLSSPVTKSFNRGEC
;
L
3 'polyribonucleotide'
;GACGCGACCGAAAUGGUGAAGGACGGGUCCAGUGCGAGACCCGCACUGUUGAGUAGAGUGUGAGCUCCGUAACUGGUCGC
GUC
;
R
#
# COMPACT_ATOMS: atom_id res chain seq x y z
N GLU A 1 -1.77 -6.59 26.46
CA GLU A 1 -2.48 -5.64 27.29
C GLU A 1 -2.12 -4.17 26.96
N VAL A 2 -0.95 -3.92 26.39
CA VAL A 2 -0.60 -2.55 25.99
C VAL A 2 -1.20 -2.28 24.62
N GLN A 3 -1.90 -1.15 24.49
CA GLN A 3 -2.55 -0.79 23.24
C GLN A 3 -2.50 0.74 23.04
N LEU A 4 -2.39 1.15 21.78
CA LEU A 4 -2.46 2.56 21.40
C LEU A 4 -3.50 2.70 20.29
N VAL A 5 -4.39 3.68 20.41
CA VAL A 5 -5.44 3.88 19.41
C VAL A 5 -5.45 5.34 18.98
N GLU A 6 -5.14 5.59 17.71
CA GLU A 6 -5.17 6.96 17.24
C GLU A 6 -6.52 7.26 16.60
N SER A 7 -6.91 8.52 16.70
CA SER A 7 -8.14 8.99 16.07
C SER A 7 -7.95 10.46 15.75
N GLY A 8 -8.93 11.00 15.02
CA GLY A 8 -8.92 12.39 14.61
C GLY A 8 -8.57 12.59 13.14
N GLY A 9 -8.22 11.54 12.43
CA GLY A 9 -7.83 11.68 11.04
C GLY A 9 -9.03 11.97 10.15
N GLY A 10 -8.73 12.22 8.90
CA GLY A 10 -9.76 12.50 7.92
C GLY A 10 -9.26 13.52 6.92
N LEU A 11 -10.19 14.08 6.18
CA LEU A 11 -9.90 14.98 5.07
C LEU A 11 -9.80 16.42 5.56
N VAL A 12 -8.89 17.18 4.96
CA VAL A 12 -8.67 18.58 5.31
C VAL A 12 -8.05 19.24 4.09
N GLN A 13 -8.34 20.53 3.91
CA GLN A 13 -7.84 21.23 2.75
C GLN A 13 -6.46 21.82 3.03
N PRO A 14 -5.68 22.07 1.97
CA PRO A 14 -4.39 22.74 2.15
C PRO A 14 -4.53 24.02 2.98
N GLY A 15 -3.56 24.24 3.85
CA GLY A 15 -3.61 25.32 4.81
C GLY A 15 -4.47 25.07 6.03
N GLY A 16 -5.27 24.02 6.04
CA GLY A 16 -6.14 23.73 7.17
C GLY A 16 -5.39 23.17 8.37
N SER A 17 -6.17 22.76 9.39
CA SER A 17 -5.66 22.28 10.66
C SER A 17 -6.40 21.00 11.06
N LEU A 18 -5.75 20.20 11.90
CA LEU A 18 -6.31 18.93 12.35
C LEU A 18 -5.59 18.49 13.62
N ARG A 19 -6.32 17.96 14.59
CA ARG A 19 -5.69 17.44 15.81
C ARG A 19 -5.87 15.93 15.86
N LEU A 20 -4.75 15.21 15.92
CA LEU A 20 -4.79 13.78 16.16
C LEU A 20 -4.68 13.51 17.66
N SER A 21 -5.32 12.45 18.10
CA SER A 21 -5.16 12.02 19.48
C SER A 21 -4.71 10.55 19.52
N CYS A 22 -3.98 10.22 20.58
CA CYS A 22 -3.39 8.89 20.73
C CYS A 22 -3.76 8.42 22.13
N ALA A 23 -4.70 7.48 22.23
CA ALA A 23 -5.23 7.02 23.50
C ALA A 23 -4.48 5.77 23.97
N ALA A 24 -3.74 5.91 25.06
CA ALA A 24 -3.02 4.78 25.60
C ALA A 24 -3.93 3.93 26.47
N SER A 25 -3.69 2.62 26.51
CA SER A 25 -4.22 1.79 27.58
C SER A 25 -3.20 0.71 27.96
N GLY A 26 -3.29 0.23 29.20
CA GLY A 26 -2.36 -0.78 29.68
C GLY A 26 -1.04 -0.26 30.18
N PHE A 27 -0.80 1.05 30.07
CA PHE A 27 0.36 1.72 30.65
C PHE A 27 -0.04 3.18 30.83
N TYR A 28 0.78 3.91 31.55
CA TYR A 28 0.55 5.32 31.85
C TYR A 28 1.59 6.13 31.10
N ILE A 29 1.17 7.09 30.27
CA ILE A 29 2.11 7.74 29.36
C ILE A 29 3.17 8.55 30.10
N SER A 30 2.88 8.98 31.33
CA SER A 30 3.80 9.79 32.12
C SER A 30 5.17 9.13 32.30
N TYR A 31 5.26 7.81 32.18
CA TYR A 31 6.51 7.11 32.42
C TYR A 31 7.31 6.84 31.16
N SER A 32 6.78 7.22 29.98
CA SER A 32 7.36 6.87 28.67
C SER A 32 7.52 8.10 27.80
N SER A 33 8.42 7.99 26.80
CA SER A 33 8.40 8.87 25.63
C SER A 33 7.35 8.39 24.64
N ILE A 34 6.63 9.33 24.03
CA ILE A 34 5.61 9.05 23.03
C ILE A 34 6.06 9.72 21.72
N HIS A 35 5.99 8.97 20.62
CA HIS A 35 6.44 9.44 19.30
C HIS A 35 5.29 9.40 18.30
N TRP A 36 5.38 10.25 17.28
CA TRP A 36 4.51 10.17 16.11
C TRP A 36 5.36 9.88 14.89
N VAL A 37 4.90 8.95 14.08
CA VAL A 37 5.60 8.46 12.89
C VAL A 37 4.57 8.36 11.79
N ARG A 38 4.92 8.79 10.59
CA ARG A 38 3.95 8.75 9.49
C ARG A 38 4.49 7.96 8.31
N GLN A 39 3.56 7.56 7.44
CA GLN A 39 3.89 6.74 6.28
C GLN A 39 2.99 7.16 5.14
N ALA A 40 3.56 7.84 4.14
CA ALA A 40 2.79 8.18 2.96
C ALA A 40 2.47 6.90 2.18
N PRO A 41 1.33 6.87 1.48
CA PRO A 41 0.92 5.64 0.79
C PRO A 41 2.00 5.14 -0.17
N GLY A 42 2.38 3.87 0.00
CA GLY A 42 3.43 3.24 -0.77
C GLY A 42 4.85 3.55 -0.34
N LYS A 43 5.07 4.43 0.64
CA LYS A 43 6.41 4.89 0.98
C LYS A 43 6.81 4.37 2.36
N GLY A 44 7.96 4.85 2.86
CA GLY A 44 8.52 4.33 4.09
C GLY A 44 8.11 5.13 5.32
N LEU A 45 8.61 4.70 6.47
CA LEU A 45 8.35 5.40 7.71
C LEU A 45 9.17 6.68 7.79
N GLU A 46 8.55 7.73 8.31
CA GLU A 46 9.19 9.01 8.52
C GLU A 46 8.84 9.48 9.93
N TRP A 47 9.85 9.64 10.78
CA TRP A 47 9.62 10.14 12.13
C TRP A 47 9.15 11.58 12.09
N VAL A 48 8.15 11.90 12.92
CA VAL A 48 7.49 13.20 12.92
C VAL A 48 7.82 14.01 14.17
N ALA A 49 7.56 13.46 15.36
CA ALA A 49 7.66 14.25 16.58
C ALA A 49 7.68 13.32 17.78
N SER A 50 8.17 13.83 18.92
CA SER A 50 8.10 13.10 20.17
C SER A 50 8.11 14.04 21.37
N ILE A 51 7.69 13.49 22.53
CA ILE A 51 7.67 14.22 23.79
C ILE A 51 8.27 13.33 24.89
N SER A 52 9.18 13.89 25.67
CA SER A 52 10.00 13.23 26.68
C SER A 52 9.30 13.26 28.04
N PRO A 53 9.40 12.21 28.84
CA PRO A 53 8.77 12.24 30.17
C PRO A 53 9.56 13.11 31.15
N TYR A 54 8.87 13.51 32.22
CA TYR A 54 9.41 14.28 33.35
C TYR A 54 9.77 15.72 32.99
N SER A 55 10.40 15.95 31.84
CA SER A 55 10.73 17.32 31.41
C SER A 55 9.70 17.91 30.46
N GLY A 56 8.95 17.07 29.75
CA GLY A 56 8.08 17.56 28.69
C GLY A 56 8.81 18.13 27.49
N SER A 57 10.10 17.84 27.32
CA SER A 57 10.82 18.34 26.14
C SER A 57 10.20 17.74 24.88
N THR A 58 10.11 18.54 23.82
CA THR A 58 9.51 18.08 22.57
C THR A 58 10.51 18.21 21.44
N TYR A 59 10.39 17.31 20.45
CA TYR A 59 11.32 17.28 19.32
C TYR A 59 10.52 17.04 18.05
N TYR A 60 11.02 17.53 16.93
CA TYR A 60 10.25 17.60 15.69
C TYR A 60 11.15 17.33 14.48
N ALA A 61 10.57 16.70 13.46
CA ALA A 61 11.26 16.60 12.17
C ALA A 61 11.34 17.99 11.54
N ASP A 62 12.45 18.28 10.88
CA ASP A 62 12.57 19.54 10.15
C ASP A 62 11.37 19.78 9.23
N SER A 63 10.92 18.75 8.52
CA SER A 63 9.80 18.92 7.60
C SER A 63 8.50 19.30 8.29
N VAL A 64 8.42 19.33 9.63
CA VAL A 64 7.19 19.73 10.29
C VAL A 64 7.40 20.79 11.34
N LYS A 65 8.64 21.20 11.60
CA LYS A 65 8.89 22.12 12.71
C LYS A 65 8.19 23.45 12.44
N GLY A 66 7.60 24.02 13.48
CA GLY A 66 6.85 25.23 13.35
C GLY A 66 5.40 25.06 12.95
N ARG A 67 5.03 23.94 12.35
CA ARG A 67 3.64 23.71 11.98
C ARG A 67 2.93 22.73 12.92
N PHE A 68 3.66 21.79 13.52
CA PHE A 68 3.10 20.72 14.35
C PHE A 68 3.44 20.95 15.81
N THR A 69 2.57 20.47 16.70
CA THR A 69 2.78 20.54 18.14
C THR A 69 2.34 19.24 18.81
N ILE A 70 3.26 18.55 19.43
CA ILE A 70 2.94 17.36 20.18
C ILE A 70 2.71 17.74 21.64
N SER A 71 1.78 17.05 22.30
CA SER A 71 1.46 17.35 23.69
C SER A 71 0.83 16.11 24.32
N ALA A 72 0.62 16.18 25.65
CA ALA A 72 0.14 15.04 26.40
C ALA A 72 -0.75 15.49 27.54
N ASP A 73 -1.94 14.89 27.65
CA ASP A 73 -2.88 15.12 28.76
C ASP A 73 -2.90 13.85 29.61
N THR A 74 -2.07 13.85 30.66
CA THR A 74 -1.94 12.67 31.51
C THR A 74 -3.26 12.25 32.14
N SER A 75 -4.17 13.19 32.40
CA SER A 75 -5.39 12.78 33.10
C SER A 75 -6.39 12.12 32.16
N LYS A 76 -6.17 12.20 30.85
CA LYS A 76 -6.88 11.36 29.90
C LYS A 76 -5.99 10.23 29.38
N ASN A 77 -4.75 10.11 29.87
CA ASN A 77 -3.80 9.13 29.37
C ASN A 77 -3.74 9.15 27.84
N THR A 78 -3.72 10.34 27.26
CA THR A 78 -3.82 10.54 25.82
C THR A 78 -2.74 11.52 25.37
N ALA A 79 -2.17 11.26 24.20
CA ALA A 79 -1.22 12.15 23.54
C ALA A 79 -1.87 12.76 22.30
N TYR A 80 -1.30 13.88 21.83
CA TYR A 80 -1.92 14.67 20.77
C TYR A 80 -0.88 15.16 19.78
N LEU A 81 -1.31 15.32 18.53
CA LEU A 81 -0.50 15.97 17.50
C LEU A 81 -1.37 17.04 16.86
N GLN A 82 -1.07 18.30 17.17
CA GLN A 82 -1.79 19.42 16.60
C GLN A 82 -1.09 19.79 15.29
N MET A 83 -1.77 19.60 14.17
CA MET A 83 -1.17 19.88 12.86
C MET A 83 -1.79 21.14 12.28
N ASN A 84 -0.94 22.12 11.94
CA ASN A 84 -1.37 23.36 11.32
C ASN A 84 -0.72 23.51 9.95
N SER A 85 -1.27 24.44 9.16
CA SER A 85 -0.75 24.79 7.84
C SER A 85 -0.43 23.55 7.01
N LEU A 86 -1.40 22.65 6.95
CA LEU A 86 -1.17 21.35 6.32
C LEU A 86 -1.02 21.49 4.81
N ARG A 87 -0.15 20.67 4.24
CA ARG A 87 0.09 20.63 2.80
C ARG A 87 -0.15 19.23 2.28
N ALA A 88 -0.40 19.14 0.98
CA ALA A 88 -0.68 17.87 0.32
C ALA A 88 0.35 16.80 0.65
N GLU A 89 1.62 17.17 0.81
CA GLU A 89 2.68 16.21 1.15
C GLU A 89 2.58 15.68 2.57
N ASP A 90 1.69 16.21 3.41
CA ASP A 90 1.50 15.65 4.74
C ASP A 90 0.51 14.51 4.74
N THR A 91 -0.13 14.22 3.59
CA THR A 91 -1.00 13.07 3.43
C THR A 91 -0.25 11.79 3.81
N ALA A 92 -0.81 11.04 4.78
CA ALA A 92 -0.11 9.87 5.31
C ALA A 92 -1.00 9.15 6.32
N VAL A 93 -0.65 7.90 6.59
CA VAL A 93 -1.09 7.22 7.80
C VAL A 93 -0.20 7.70 8.93
N TYR A 94 -0.81 8.23 10.00
CA TYR A 94 -0.06 8.70 11.17
C TYR A 94 -0.18 7.66 12.29
N TYR A 95 0.97 7.14 12.73
CA TYR A 95 1.06 6.22 13.86
C TYR A 95 1.53 6.94 15.11
N CYS A 96 0.98 6.59 16.26
CA CYS A 96 1.70 6.92 17.48
C CYS A 96 2.38 5.68 18.03
N ALA A 97 3.46 5.88 18.76
CA ALA A 97 4.26 4.76 19.22
C ALA A 97 4.83 5.09 20.58
N ARG A 98 4.95 4.04 21.39
CA ARG A 98 5.58 4.16 22.71
C ARG A 98 7.04 3.75 22.59
N GLN A 99 7.93 4.62 23.05
CA GLN A 99 9.29 4.19 23.27
C GLN A 99 9.31 3.35 24.54
N GLY A 100 9.87 2.16 24.46
CA GLY A 100 9.86 1.24 25.59
C GLY A 100 10.75 1.69 26.74
N TYR A 101 10.78 0.86 27.79
CA TYR A 101 11.59 1.14 28.97
C TYR A 101 13.06 0.89 28.68
N ARG A 102 13.92 1.85 29.07
CA ARG A 102 15.33 1.81 28.72
C ARG A 102 15.97 0.46 29.05
N ARG A 103 15.71 -0.06 30.24
CA ARG A 103 16.36 -1.29 30.67
C ARG A 103 15.87 -2.50 29.87
N ARG A 104 14.62 -2.45 29.38
CA ARG A 104 14.01 -3.57 28.68
C ARG A 104 14.29 -3.56 27.18
N SER A 105 14.22 -2.40 26.54
CA SER A 105 14.32 -2.41 25.08
C SER A 105 15.03 -1.18 24.53
N GLY A 106 15.97 -0.63 25.28
CA GLY A 106 16.72 0.53 24.82
C GLY A 106 15.80 1.66 24.43
N ARG A 107 16.06 2.26 23.26
CA ARG A 107 15.21 3.29 22.69
C ARG A 107 14.27 2.75 21.60
N GLY A 108 14.11 1.43 21.51
CA GLY A 108 13.19 0.88 20.53
C GLY A 108 11.75 1.28 20.81
N PHE A 109 10.94 1.35 19.74
CA PHE A 109 9.53 1.66 19.88
C PHE A 109 8.81 0.32 20.02
N ASP A 110 8.42 -0.04 21.24
CA ASP A 110 7.96 -1.41 21.41
C ASP A 110 6.47 -1.61 21.14
N TYR A 111 5.67 -0.54 21.17
CA TYR A 111 4.26 -0.66 20.80
C TYR A 111 3.85 0.48 19.89
N TRP A 112 3.00 0.16 18.91
CA TRP A 112 2.51 1.07 17.89
C TRP A 112 1.00 0.94 17.77
N GLY A 113 0.30 2.05 17.52
CA GLY A 113 -1.10 1.98 17.16
C GLY A 113 -1.27 1.44 15.75
N GLN A 114 -2.51 1.28 15.33
CA GLN A 114 -2.71 0.79 13.97
C GLN A 114 -2.82 1.91 12.94
N GLY A 115 -2.77 3.17 13.35
CA GLY A 115 -2.63 4.29 12.45
C GLY A 115 -3.96 4.93 12.08
N THR A 116 -3.90 6.20 11.67
CA THR A 116 -5.08 6.89 11.18
C THR A 116 -4.72 7.72 9.95
N LEU A 117 -5.54 7.61 8.92
CA LEU A 117 -5.23 8.21 7.62
C LEU A 117 -5.59 9.70 7.62
N VAL A 118 -4.63 10.55 7.29
CA VAL A 118 -4.85 11.97 7.10
C VAL A 118 -4.69 12.26 5.60
N THR A 119 -5.73 12.83 4.99
CA THR A 119 -5.70 13.22 3.57
C THR A 119 -5.79 14.75 3.47
N VAL A 120 -4.76 15.38 2.92
CA VAL A 120 -4.75 16.82 2.70
C VAL A 120 -4.95 17.08 1.22
N SER A 121 -6.09 17.65 0.85
CA SER A 121 -6.40 17.85 -0.56
C SER A 121 -7.51 18.86 -0.71
N SER A 122 -7.53 19.54 -1.86
CA SER A 122 -8.64 20.45 -2.15
C SER A 122 -9.82 19.75 -2.81
N ALA A 123 -9.64 18.50 -3.25
CA ALA A 123 -10.76 17.72 -3.76
C ALA A 123 -11.81 17.52 -2.67
N SER A 124 -13.07 17.45 -3.08
CA SER A 124 -14.14 17.30 -2.11
C SER A 124 -14.70 15.87 -2.14
N THR A 125 -15.29 15.48 -1.02
CA THR A 125 -15.77 14.11 -0.85
C THR A 125 -16.73 13.71 -1.96
N LYS A 126 -16.52 12.52 -2.51
CA LYS A 126 -17.29 12.06 -3.66
C LYS A 126 -17.37 10.54 -3.62
N GLY A 127 -18.56 10.00 -3.86
CA GLY A 127 -18.72 8.57 -4.02
C GLY A 127 -18.30 8.13 -5.41
N PRO A 128 -17.97 6.85 -5.55
CA PRO A 128 -17.56 6.32 -6.87
C PRO A 128 -18.72 5.91 -7.75
N SER A 129 -18.48 5.94 -9.05
CA SER A 129 -19.27 5.17 -9.99
C SER A 129 -18.62 3.81 -10.15
N VAL A 130 -19.45 2.77 -10.25
CA VAL A 130 -18.99 1.39 -10.33
C VAL A 130 -19.46 0.84 -11.68
N PHE A 131 -18.49 0.43 -12.52
CA PHE A 131 -18.76 -0.03 -13.88
C PHE A 131 -18.35 -1.49 -14.02
N PRO A 132 -19.08 -2.27 -14.81
CA PRO A 132 -18.70 -3.67 -14.99
C PRO A 132 -17.46 -3.83 -15.87
N LEU A 133 -16.69 -4.86 -15.55
CA LEU A 133 -15.61 -5.38 -16.38
C LEU A 133 -16.12 -6.75 -16.83
N ALA A 134 -16.73 -6.77 -17.99
CA ALA A 134 -17.57 -7.91 -18.34
C ALA A 134 -16.72 -9.04 -18.92
N PRO A 135 -17.06 -10.29 -18.61
CA PRO A 135 -16.27 -11.41 -19.15
C PRO A 135 -16.38 -11.45 -20.65
N SER A 136 -15.25 -11.75 -21.29
CA SER A 136 -15.14 -11.65 -22.74
C SER A 136 -16.04 -12.69 -23.42
N SER A 137 -16.74 -12.22 -24.46
CA SER A 137 -17.58 -13.14 -25.23
C SER A 137 -16.76 -14.20 -25.93
N LYS A 138 -15.47 -13.95 -26.17
CA LYS A 138 -14.60 -14.98 -26.74
C LYS A 138 -14.69 -16.26 -25.93
N SER A 139 -14.46 -16.15 -24.61
CA SER A 139 -14.22 -17.23 -23.67
C SER A 139 -13.07 -16.85 -22.74
N THR A 140 -11.92 -17.53 -22.90
CA THR A 140 -10.93 -17.66 -21.84
C THR A 140 -9.53 -17.19 -22.27
N SER A 141 -8.63 -17.20 -21.27
CA SER A 141 -7.17 -17.23 -21.45
C SER A 141 -6.65 -18.34 -20.52
N GLY A 142 -6.92 -19.60 -20.90
CA GLY A 142 -6.51 -20.75 -20.11
C GLY A 142 -7.67 -21.44 -19.40
N GLY A 143 -8.73 -21.77 -20.13
CA GLY A 143 -9.89 -22.45 -19.60
C GLY A 143 -10.82 -21.61 -18.73
N THR A 144 -10.33 -20.49 -18.19
CA THR A 144 -11.08 -19.68 -17.23
C THR A 144 -11.29 -18.28 -17.79
N ALA A 145 -12.39 -17.64 -17.36
CA ALA A 145 -12.69 -16.27 -17.73
C ALA A 145 -12.30 -15.32 -16.59
N ALA A 146 -12.27 -14.03 -16.92
CA ALA A 146 -12.03 -12.99 -15.93
C ALA A 146 -13.10 -11.91 -16.04
N LEU A 147 -13.53 -11.41 -14.89
CA LEU A 147 -14.50 -10.32 -14.88
C LEU A 147 -14.22 -9.46 -13.65
N GLY A 148 -14.86 -8.31 -13.60
CA GLY A 148 -14.62 -7.47 -12.45
C GLY A 148 -15.49 -6.24 -12.47
N CYS A 149 -15.07 -5.29 -11.63
CA CYS A 149 -15.77 -4.03 -11.43
C CYS A 149 -14.74 -2.92 -11.38
N LEU A 150 -15.03 -1.82 -12.05
CA LEU A 150 -14.17 -0.64 -12.07
C LEU A 150 -14.78 0.39 -11.13
N VAL A 151 -14.03 0.79 -10.12
CA VAL A 151 -14.51 1.68 -9.06
C VAL A 151 -13.82 3.02 -9.27
N LYS A 152 -14.51 3.95 -9.93
CA LYS A 152 -13.85 5.11 -10.51
C LYS A 152 -14.33 6.40 -9.89
N ASP A 153 -13.37 7.29 -9.56
CA ASP A 153 -13.62 8.71 -9.26
C ASP A 153 -14.24 8.93 -7.87
N TYR A 154 -13.62 8.36 -6.85
CA TYR A 154 -14.08 8.61 -5.50
C TYR A 154 -13.02 9.37 -4.71
N PHE A 155 -13.44 9.95 -3.59
CA PHE A 155 -12.58 10.70 -2.70
C PHE A 155 -13.23 10.82 -1.32
N PRO A 156 -12.48 10.64 -0.23
CA PRO A 156 -11.10 10.19 -0.18
C PRO A 156 -11.00 8.68 -0.10
N GLU A 157 -9.79 8.16 0.08
CA GLU A 157 -9.62 6.78 0.48
C GLU A 157 -10.26 6.60 1.86
N PRO A 158 -10.64 5.36 2.24
CA PRO A 158 -10.62 4.08 1.53
C PRO A 158 -12.00 3.69 0.98
N VAL A 159 -12.03 2.64 0.15
CA VAL A 159 -13.26 1.93 -0.18
C VAL A 159 -12.99 0.46 0.08
N THR A 160 -14.06 -0.29 0.30
CA THR A 160 -13.99 -1.74 0.40
C THR A 160 -14.73 -2.36 -0.77
N VAL A 161 -14.26 -3.51 -1.22
CA VAL A 161 -14.89 -4.27 -2.29
C VAL A 161 -14.94 -5.73 -1.88
N SER A 162 -16.10 -6.35 -2.03
CA SER A 162 -16.22 -7.78 -1.84
C SER A 162 -17.07 -8.34 -2.98
N TRP A 163 -17.00 -9.66 -3.16
CA TRP A 163 -17.76 -10.36 -4.18
C TRP A 163 -18.76 -11.32 -3.53
N ASN A 164 -20.01 -11.25 -3.98
CA ASN A 164 -21.09 -12.11 -3.50
C ASN A 164 -21.17 -12.07 -1.97
N SER A 165 -21.21 -10.85 -1.45
CA SER A 165 -21.28 -10.54 -0.02
C SER A 165 -20.24 -11.30 0.81
N GLY A 166 -19.11 -11.66 0.20
CA GLY A 166 -18.06 -12.36 0.88
C GLY A 166 -17.98 -13.85 0.58
N ALA A 167 -19.03 -14.43 -0.01
CA ALA A 167 -19.00 -15.85 -0.35
C ALA A 167 -17.91 -16.20 -1.35
N LEU A 168 -17.53 -15.24 -2.21
CA LEU A 168 -16.56 -15.47 -3.29
C LEU A 168 -15.25 -14.78 -2.93
N THR A 169 -14.22 -15.57 -2.68
CA THR A 169 -12.91 -15.04 -2.31
C THR A 169 -11.75 -15.66 -3.07
N SER A 170 -11.89 -16.88 -3.58
CA SER A 170 -10.80 -17.50 -4.33
C SER A 170 -10.63 -16.79 -5.67
N GLY A 171 -9.38 -16.45 -6.00
CA GLY A 171 -9.10 -15.82 -7.28
C GLY A 171 -9.56 -14.39 -7.40
N VAL A 172 -9.89 -13.74 -6.29
CA VAL A 172 -10.22 -12.32 -6.30
C VAL A 172 -8.92 -11.52 -6.19
N HIS A 173 -8.84 -10.42 -6.94
CA HIS A 173 -7.73 -9.47 -6.82
C HIS A 173 -8.36 -8.09 -6.82
N THR A 174 -8.23 -7.39 -5.70
CA THR A 174 -8.67 -6.00 -5.60
C THR A 174 -7.41 -5.15 -5.55
N PHE A 175 -7.25 -4.27 -6.55
CA PHE A 175 -5.99 -3.58 -6.73
C PHE A 175 -5.94 -2.32 -5.87
N PRO A 176 -4.74 -1.94 -5.42
CA PRO A 176 -4.62 -0.67 -4.70
C PRO A 176 -5.04 0.49 -5.58
N ALA A 177 -5.66 1.49 -4.98
CA ALA A 177 -6.14 2.61 -5.75
C ALA A 177 -4.96 3.39 -6.32
N VAL A 178 -5.22 4.10 -7.42
CA VAL A 178 -4.29 5.12 -7.90
C VAL A 178 -4.98 6.45 -7.78
N LEU A 179 -4.18 7.48 -7.53
CA LEU A 179 -4.65 8.84 -7.52
C LEU A 179 -4.55 9.41 -8.95
N GLN A 180 -5.68 9.87 -9.49
CA GLN A 180 -5.71 10.42 -10.84
C GLN A 180 -5.34 11.91 -10.82
N SER A 181 -5.01 12.43 -12.00
CA SER A 181 -4.68 13.85 -12.10
C SER A 181 -5.87 14.74 -11.78
N SER A 182 -7.09 14.24 -11.89
CA SER A 182 -8.23 14.97 -11.35
C SER A 182 -8.19 15.12 -9.83
N GLY A 183 -7.31 14.41 -9.14
CA GLY A 183 -7.32 14.42 -7.69
C GLY A 183 -8.24 13.40 -7.06
N LEU A 184 -8.87 12.55 -7.87
CA LEU A 184 -9.77 11.52 -7.41
C LEU A 184 -9.10 10.16 -7.57
N TYR A 185 -9.61 9.19 -6.82
CA TYR A 185 -9.04 7.85 -6.80
C TYR A 185 -9.82 6.92 -7.71
N SER A 186 -9.17 5.85 -8.11
CA SER A 186 -9.79 4.85 -8.96
C SER A 186 -9.08 3.53 -8.67
N LEU A 187 -9.83 2.44 -8.77
CA LEU A 187 -9.25 1.12 -8.61
C LEU A 187 -10.18 0.12 -9.28
N SER A 188 -9.68 -1.08 -9.50
CA SER A 188 -10.50 -2.14 -10.04
C SER A 188 -10.38 -3.39 -9.18
N SER A 189 -11.45 -4.17 -9.14
CA SER A 189 -11.46 -5.49 -8.52
C SER A 189 -11.86 -6.51 -9.56
N VAL A 190 -11.07 -7.58 -9.69
CA VAL A 190 -11.31 -8.61 -10.69
C VAL A 190 -11.37 -9.97 -10.00
N VAL A 191 -12.00 -10.92 -10.69
CA VAL A 191 -12.01 -12.31 -10.25
C VAL A 191 -11.95 -13.19 -11.48
N THR A 192 -11.21 -14.30 -11.39
CA THR A 192 -11.21 -15.30 -12.44
C THR A 192 -12.16 -16.43 -12.03
N VAL A 193 -12.97 -16.88 -12.99
CA VAL A 193 -13.97 -17.92 -12.77
C VAL A 193 -13.95 -18.87 -13.95
N PRO A 194 -14.56 -20.06 -13.82
CA PRO A 194 -14.67 -20.96 -14.97
C PRO A 194 -15.60 -20.38 -16.02
N SER A 195 -15.15 -20.41 -17.29
CA SER A 195 -16.00 -19.88 -18.35
C SER A 195 -17.28 -20.67 -18.48
N SER A 196 -17.22 -21.98 -18.21
CA SER A 196 -18.40 -22.84 -18.36
C SER A 196 -19.53 -22.49 -17.39
N SER A 197 -19.34 -21.56 -16.46
CA SER A 197 -20.40 -21.19 -15.52
C SER A 197 -20.86 -19.74 -15.68
N LEU A 198 -20.34 -19.03 -16.69
CA LEU A 198 -20.64 -17.61 -16.84
C LEU A 198 -22.13 -17.33 -16.96
N GLY A 199 -22.87 -18.24 -17.63
CA GLY A 199 -24.28 -18.01 -17.81
C GLY A 199 -25.15 -18.43 -16.64
N THR A 200 -24.67 -19.37 -15.83
CA THR A 200 -25.48 -19.92 -14.75
C THR A 200 -25.13 -19.39 -13.37
N GLN A 201 -23.86 -19.10 -13.10
CA GLN A 201 -23.46 -18.58 -11.80
C GLN A 201 -23.61 -17.06 -11.78
N THR A 202 -23.95 -16.53 -10.61
CA THR A 202 -24.16 -15.10 -10.40
C THR A 202 -22.93 -14.46 -9.75
N TYR A 203 -22.57 -13.27 -10.21
CA TYR A 203 -21.38 -12.56 -9.76
C TYR A 203 -21.72 -11.11 -9.50
N ILE A 204 -21.51 -10.67 -8.25
CA ILE A 204 -21.89 -9.34 -7.80
C ILE A 204 -20.73 -8.74 -7.01
N CYS A 205 -20.31 -7.53 -7.36
CA CYS A 205 -19.29 -6.85 -6.58
C CYS A 205 -19.96 -5.86 -5.63
N ASN A 206 -19.51 -5.84 -4.38
CA ASN A 206 -20.10 -5.03 -3.33
C ASN A 206 -19.13 -3.93 -2.96
N VAL A 207 -19.53 -2.68 -3.19
CA VAL A 207 -18.66 -1.53 -2.99
C VAL A 207 -19.23 -0.68 -1.87
N ASN A 208 -18.37 -0.27 -0.95
CA ASN A 208 -18.76 0.56 0.17
C ASN A 208 -17.74 1.68 0.34
N HIS A 209 -18.21 2.92 0.26
CA HIS A 209 -17.39 4.10 0.45
C HIS A 209 -18.10 4.88 1.55
N LYS A 210 -17.70 4.61 2.80
CA LYS A 210 -18.36 5.25 3.92
C LYS A 210 -18.26 6.78 3.94
N PRO A 211 -17.14 7.41 3.58
CA PRO A 211 -17.09 8.89 3.68
C PRO A 211 -18.14 9.61 2.85
N SER A 212 -18.68 8.99 1.79
CA SER A 212 -19.69 9.66 0.97
C SER A 212 -21.10 9.12 1.15
N ASN A 213 -21.31 8.14 2.02
CA ASN A 213 -22.61 7.45 2.12
C ASN A 213 -22.98 6.86 0.76
N THR A 214 -22.04 6.11 0.19
CA THR A 214 -22.22 5.43 -1.10
C THR A 214 -21.95 3.95 -0.86
N LYS A 215 -22.96 3.13 -1.09
CA LYS A 215 -22.82 1.68 -1.00
C LYS A 215 -23.66 1.08 -2.11
N VAL A 216 -23.02 0.37 -3.04
CA VAL A 216 -23.72 -0.16 -4.20
C VAL A 216 -23.31 -1.61 -4.44
N ASP A 217 -24.11 -2.27 -5.26
CA ASP A 217 -23.88 -3.65 -5.67
C ASP A 217 -24.10 -3.71 -7.17
N LYS A 218 -23.18 -4.37 -7.88
CA LYS A 218 -23.22 -4.41 -9.33
C LYS A 218 -23.16 -5.85 -9.78
N LYS A 219 -24.22 -6.33 -10.42
CA LYS A 219 -24.20 -7.63 -11.07
C LYS A 219 -23.39 -7.52 -12.35
N VAL A 220 -22.47 -8.46 -12.57
CA VAL A 220 -21.56 -8.43 -13.71
C VAL A 220 -21.84 -9.65 -14.57
N GLU A 221 -22.34 -9.44 -15.77
CA GLU A 221 -22.73 -10.50 -16.70
C GLU A 221 -22.10 -10.28 -18.07
N PRO A 222 -22.12 -11.30 -18.93
CA PRO A 222 -21.80 -11.08 -20.35
C PRO A 222 -22.79 -10.18 -21.08
N LYS A 223 -22.61 -9.97 -22.39
CA LYS A 223 -23.30 -8.92 -23.15
C LYS A 223 -24.16 -9.53 -24.27
N SER A 224 -24.61 -8.66 -25.19
CA SER A 224 -25.39 -9.05 -26.35
C SER A 224 -24.70 -10.15 -27.14
N CYS A 225 -23.71 -9.78 -27.96
CA CYS A 225 -22.98 -10.77 -28.74
C CYS A 225 -21.57 -10.97 -28.18
N SER B 1 24.35 18.36 11.30
CA SER B 1 23.75 17.68 10.14
C SER B 1 22.84 16.56 10.64
N ASP B 2 21.62 16.48 10.11
CA ASP B 2 20.76 15.33 10.40
C ASP B 2 21.50 14.06 9.97
N ILE B 3 21.27 12.98 10.71
CA ILE B 3 21.99 11.74 10.46
C ILE B 3 21.25 10.96 9.38
N GLN B 4 21.96 10.61 8.30
CA GLN B 4 21.41 9.73 7.26
C GLN B 4 21.60 8.27 7.65
N MET B 5 20.62 7.45 7.26
CA MET B 5 20.64 6.00 7.44
C MET B 5 20.36 5.40 6.05
N THR B 6 21.39 4.87 5.40
CA THR B 6 21.29 4.38 4.02
C THR B 6 21.11 2.88 4.04
N GLN B 7 19.91 2.42 3.66
CA GLN B 7 19.51 1.02 3.80
C GLN B 7 19.57 0.30 2.46
N SER B 8 20.18 -0.87 2.44
CA SER B 8 20.23 -1.64 1.20
C SER B 8 20.12 -3.13 1.50
N PRO B 9 19.62 -3.94 0.53
CA PRO B 9 19.06 -3.47 -0.75
C PRO B 9 17.67 -2.92 -0.55
N SER B 10 17.10 -2.31 -1.59
CA SER B 10 15.71 -1.87 -1.46
C SER B 10 14.73 -3.03 -1.60
N SER B 11 15.12 -4.10 -2.30
CA SER B 11 14.31 -5.30 -2.26
C SER B 11 15.21 -6.51 -2.46
N LEU B 12 14.73 -7.67 -2.03
CA LEU B 12 15.44 -8.89 -2.35
C LEU B 12 14.45 -10.04 -2.46
N SER B 13 14.83 -11.02 -3.25
CA SER B 13 14.07 -12.24 -3.47
C SER B 13 14.85 -13.39 -2.84
N ALA B 14 14.14 -14.22 -2.07
CA ALA B 14 14.76 -15.35 -1.38
C ALA B 14 13.77 -16.50 -1.28
N SER B 15 14.30 -17.72 -1.26
CA SER B 15 13.49 -18.90 -1.03
C SER B 15 13.28 -19.12 0.48
N VAL B 16 12.16 -19.76 0.82
CA VAL B 16 11.98 -20.18 2.21
C VAL B 16 13.19 -20.99 2.65
N GLY B 17 13.71 -20.68 3.84
CA GLY B 17 14.83 -21.39 4.39
C GLY B 17 16.17 -20.74 4.14
N ASP B 18 16.22 -19.70 3.30
CA ASP B 18 17.47 -19.01 2.98
C ASP B 18 17.89 -18.09 4.12
N ARG B 19 19.20 -17.92 4.24
CA ARG B 19 19.79 -16.86 5.06
C ARG B 19 19.85 -15.56 4.27
N VAL B 20 19.34 -14.47 4.86
CA VAL B 20 19.42 -13.15 4.24
C VAL B 20 19.93 -12.12 5.24
N THR B 21 20.54 -11.06 4.69
CA THR B 21 21.11 -9.97 5.47
C THR B 21 20.68 -8.62 4.89
N ILE B 22 20.30 -7.69 5.77
CA ILE B 22 19.89 -6.35 5.37
C ILE B 22 20.81 -5.37 6.09
N THR B 23 21.24 -4.32 5.37
CA THR B 23 22.29 -3.43 5.85
C THR B 23 21.79 -1.99 5.92
N CYS B 24 22.21 -1.30 6.97
CA CYS B 24 21.88 0.11 7.16
C CYS B 24 23.17 0.81 7.54
N ARG B 25 23.51 1.86 6.80
CA ARG B 25 24.81 2.53 6.97
C ARG B 25 24.59 3.97 7.41
N ALA B 26 25.03 4.29 8.63
CA ALA B 26 24.81 5.62 9.20
C ALA B 26 25.87 6.59 8.69
N SER B 27 25.48 7.86 8.57
CA SER B 27 26.37 8.88 8.00
C SER B 27 27.28 9.53 9.05
N GLN B 28 27.06 9.23 10.33
CA GLN B 28 28.01 9.52 11.39
C GLN B 28 27.75 8.54 12.53
N SER B 29 28.56 8.61 13.58
CA SER B 29 28.40 7.71 14.72
C SER B 29 27.00 7.80 15.29
N VAL B 30 26.39 6.64 15.53
CA VAL B 30 25.10 6.59 16.19
C VAL B 30 25.24 5.66 17.38
N SER B 31 26.48 5.46 17.82
CA SER B 31 26.82 4.50 18.87
C SER B 31 26.09 3.19 18.54
N SER B 32 25.33 2.60 19.48
CA SER B 32 24.55 1.41 19.25
C SER B 32 23.05 1.69 19.26
N ALA B 33 22.65 2.96 19.13
CA ALA B 33 21.25 3.36 19.25
C ALA B 33 20.47 3.08 17.96
N VAL B 34 20.47 1.82 17.54
CA VAL B 34 19.83 1.40 16.28
C VAL B 34 18.81 0.31 16.57
N ALA B 35 17.63 0.44 15.97
CA ALA B 35 16.55 -0.53 16.08
C ALA B 35 16.11 -0.99 14.71
N TRP B 36 15.57 -2.20 14.65
CA TRP B 36 15.01 -2.78 13.43
C TRP B 36 13.56 -3.16 13.68
N TYR B 37 12.73 -2.90 12.67
CA TYR B 37 11.30 -3.18 12.68
C TYR B 37 10.89 -4.00 11.48
N GLN B 38 9.82 -4.77 11.66
CA GLN B 38 9.15 -5.49 10.58
C GLN B 38 7.76 -4.91 10.34
N GLN B 39 7.34 -4.84 9.08
CA GLN B 39 6.02 -4.32 8.74
C GLN B 39 5.41 -5.13 7.60
N LYS B 40 4.25 -5.60 7.81
CA LYS B 40 3.48 -6.35 6.82
C LYS B 40 2.41 -5.45 6.26
N PRO B 41 1.95 -5.73 5.04
CA PRO B 41 1.02 -4.81 4.37
C PRO B 41 -0.23 -4.54 5.18
N GLY B 42 -0.54 -3.25 5.34
CA GLY B 42 -1.71 -2.83 6.08
C GLY B 42 -1.56 -2.76 7.59
N LYS B 43 -0.41 -3.14 8.14
CA LYS B 43 -0.26 -3.31 9.59
C LYS B 43 0.83 -2.38 10.11
N ALA B 44 0.79 -2.14 11.42
CA ALA B 44 1.81 -1.33 12.07
C ALA B 44 3.15 -2.07 12.12
N PRO B 45 4.25 -1.33 12.20
CA PRO B 45 5.57 -1.96 12.39
C PRO B 45 5.64 -2.70 13.73
N LYS B 46 6.53 -3.70 13.77
CA LYS B 46 6.83 -4.42 15.01
C LYS B 46 8.33 -4.40 15.29
N LEU B 47 8.68 -4.17 16.56
CA LEU B 47 10.08 -4.12 16.96
C LEU B 47 10.70 -5.51 16.97
N LEU B 48 11.90 -5.62 16.39
CA LEU B 48 12.65 -6.87 16.35
C LEU B 48 13.93 -6.79 17.16
N ILE B 49 14.74 -5.78 16.90
CA ILE B 49 16.07 -5.64 17.48
C ILE B 49 16.14 -4.26 18.09
N TYR B 50 16.78 -4.15 19.25
CA TYR B 50 17.06 -2.85 19.84
C TYR B 50 18.53 -2.79 20.24
N SER B 51 19.02 -1.57 20.40
CA SER B 51 20.40 -1.32 20.78
C SER B 51 21.37 -2.05 19.85
N ALA B 52 20.95 -2.18 18.57
CA ALA B 52 21.77 -2.70 17.46
C ALA B 52 21.84 -4.22 17.42
N SER B 53 21.96 -4.88 18.58
CA SER B 53 22.15 -6.33 18.60
C SER B 53 21.33 -7.06 19.66
N SER B 54 20.45 -6.40 20.39
CA SER B 54 19.64 -7.08 21.40
C SER B 54 18.30 -7.54 20.82
N LEU B 55 17.93 -8.78 21.13
CA LEU B 55 16.72 -9.37 20.61
C LEU B 55 15.55 -8.91 21.48
N TYR B 56 14.53 -8.33 20.86
CA TYR B 56 13.40 -7.84 21.62
C TYR B 56 12.59 -9.02 22.18
N SER B 57 12.04 -8.84 23.38
CA SER B 57 11.34 -9.96 24.04
C SER B 57 10.23 -10.53 23.15
N GLY B 58 10.21 -11.85 23.01
CA GLY B 58 9.23 -12.53 22.18
C GLY B 58 9.60 -12.72 20.72
N VAL B 59 10.69 -12.11 20.24
CA VAL B 59 11.10 -12.25 18.84
C VAL B 59 11.90 -13.54 18.68
N PRO B 60 11.64 -14.32 17.64
CA PRO B 60 12.39 -15.57 17.47
C PRO B 60 13.86 -15.33 17.17
N SER B 61 14.69 -16.25 17.68
CA SER B 61 16.13 -15.99 17.71
C SER B 61 16.77 -16.09 16.32
N ARG B 62 16.05 -16.57 15.30
CA ARG B 62 16.60 -16.53 13.95
C ARG B 62 16.83 -15.10 13.46
N PHE B 63 16.25 -14.09 14.13
CA PHE B 63 16.57 -12.69 13.90
C PHE B 63 17.77 -12.27 14.75
N SER B 64 18.76 -11.66 14.13
CA SER B 64 19.84 -11.04 14.90
C SER B 64 20.31 -9.77 14.23
N GLY B 65 20.87 -8.88 15.02
CA GLY B 65 21.48 -7.67 14.51
C GLY B 65 22.93 -7.63 14.93
N SER B 66 23.74 -6.92 14.16
CA SER B 66 25.12 -6.66 14.58
C SER B 66 25.52 -5.25 14.14
N ARG B 67 26.52 -4.72 14.84
CA ARG B 67 27.14 -3.43 14.53
C ARG B 67 28.59 -3.65 14.12
N SER B 68 29.00 -2.96 13.04
CA SER B 68 30.40 -2.91 12.63
C SER B 68 30.72 -1.42 12.39
N GLY B 69 31.14 -0.73 13.46
CA GLY B 69 31.38 0.69 13.40
C GLY B 69 30.10 1.47 13.20
N THR B 70 29.92 2.06 12.03
CA THR B 70 28.67 2.74 11.70
C THR B 70 27.86 1.99 10.66
N ASP B 71 28.20 0.74 10.37
CA ASP B 71 27.35 -0.12 9.56
C ASP B 71 26.64 -1.16 10.44
N PHE B 72 25.35 -1.34 10.17
CA PHE B 72 24.45 -2.18 10.95
C PHE B 72 23.77 -3.17 10.02
N THR B 73 23.61 -4.42 10.49
CA THR B 73 22.99 -5.44 9.68
C THR B 73 21.93 -6.20 10.48
N LEU B 74 20.82 -6.50 9.81
CA LEU B 74 19.81 -7.42 10.31
C LEU B 74 19.94 -8.72 9.53
N THR B 75 20.11 -9.82 10.25
CA THR B 75 20.26 -11.13 9.62
C THR B 75 19.11 -12.01 10.05
N ILE B 76 18.51 -12.71 9.08
CA ILE B 76 17.58 -13.80 9.34
C ILE B 76 18.27 -15.08 8.90
N SER B 77 18.50 -15.99 9.85
CA SER B 77 19.33 -17.15 9.55
C SER B 77 18.62 -18.13 8.62
N SER B 78 17.30 -18.23 8.70
CA SER B 78 16.55 -19.13 7.82
C SER B 78 15.12 -18.62 7.74
N LEU B 79 14.78 -17.98 6.60
CA LEU B 79 13.43 -17.44 6.41
C LEU B 79 12.35 -18.50 6.58
N GLN B 80 11.32 -18.16 7.32
CA GLN B 80 10.06 -18.87 7.40
C GLN B 80 8.99 -18.11 6.61
N PRO B 81 7.92 -18.78 6.20
CA PRO B 81 6.87 -18.09 5.42
C PRO B 81 6.38 -16.78 6.03
N GLU B 82 6.24 -16.69 7.35
CA GLU B 82 5.74 -15.44 7.91
C GLU B 82 6.80 -14.34 8.02
N ASP B 83 8.03 -14.58 7.57
CA ASP B 83 9.07 -13.55 7.65
C ASP B 83 9.12 -12.65 6.42
N PHE B 84 8.35 -12.93 5.39
CA PHE B 84 8.37 -12.10 4.19
C PHE B 84 7.56 -10.83 4.46
N ALA B 85 8.21 -9.69 4.31
CA ALA B 85 7.73 -8.42 4.86
C ALA B 85 8.68 -7.30 4.47
N THR B 86 8.42 -6.08 4.92
CA THR B 86 9.37 -4.98 4.79
C THR B 86 10.03 -4.67 6.14
N TYR B 87 11.33 -4.43 6.10
CA TYR B 87 12.16 -4.19 7.28
C TYR B 87 12.72 -2.78 7.22
N TYR B 88 12.71 -2.09 8.37
CA TYR B 88 13.23 -0.73 8.51
C TYR B 88 14.24 -0.68 9.64
N CYS B 89 15.41 -0.08 9.38
CA CYS B 89 16.30 0.32 10.47
C CYS B 89 15.91 1.72 10.94
N GLN B 90 16.40 2.09 12.12
CA GLN B 90 16.13 3.40 12.70
C GLN B 90 17.30 3.79 13.59
N GLN B 91 17.77 5.03 13.49
CA GLN B 91 18.72 5.56 14.47
C GLN B 91 17.97 6.46 15.45
N SER B 92 18.28 6.31 16.74
CA SER B 92 17.72 7.12 17.81
C SER B 92 18.84 7.60 18.71
N TYR B 93 19.98 7.89 18.06
CA TYR B 93 21.13 8.43 18.79
C TYR B 93 20.93 9.91 19.07
N SER B 94 20.31 10.63 18.14
CA SER B 94 20.06 12.04 18.40
C SER B 94 18.82 12.47 17.64
N PHE B 95 18.23 13.57 18.10
CA PHE B 95 17.05 14.02 17.39
C PHE B 95 17.47 14.99 16.27
N PRO B 96 16.84 15.00 15.09
CA PRO B 96 15.68 14.16 14.76
C PRO B 96 16.04 12.70 14.46
N SER B 97 15.12 11.80 14.81
CA SER B 97 15.31 10.38 14.56
C SER B 97 15.20 10.10 13.06
N THR B 98 15.89 9.04 12.59
CA THR B 98 15.94 8.71 11.17
C THR B 98 15.61 7.24 10.93
N PHE B 99 14.63 6.98 10.05
CA PHE B 99 14.36 5.64 9.53
C PHE B 99 15.10 5.44 8.20
N GLY B 100 15.66 4.25 8.01
CA GLY B 100 16.12 3.85 6.69
C GLY B 100 14.96 3.76 5.71
N GLN B 101 15.30 3.60 4.41
CA GLN B 101 14.28 3.59 3.36
C GLN B 101 13.46 2.31 3.32
N GLY B 102 13.98 1.20 3.85
CA GLY B 102 13.20 -0.01 3.93
C GLY B 102 13.69 -1.04 2.93
N THR B 103 13.52 -2.31 3.28
CA THR B 103 13.90 -3.42 2.42
C THR B 103 12.71 -4.37 2.34
N LYS B 104 12.19 -4.58 1.13
CA LYS B 104 11.10 -5.54 0.95
C LYS B 104 11.67 -6.91 0.64
N VAL B 105 11.24 -7.91 1.39
CA VAL B 105 11.76 -9.27 1.29
C VAL B 105 10.65 -10.14 0.74
N GLU B 106 10.77 -10.55 -0.52
CA GLU B 106 9.72 -11.27 -1.23
C GLU B 106 10.13 -12.71 -1.48
N ILE B 107 9.14 -13.56 -1.71
CA ILE B 107 9.38 -14.99 -1.86
C ILE B 107 9.79 -15.31 -3.29
N LYS B 108 10.82 -16.13 -3.43
CA LYS B 108 11.29 -16.58 -4.73
C LYS B 108 10.61 -17.91 -5.09
N ARG B 109 10.09 -17.99 -6.31
CA ARG B 109 9.43 -19.20 -6.79
C ARG B 109 9.72 -19.35 -8.27
N THR B 110 9.12 -20.36 -8.89
CA THR B 110 9.35 -20.61 -10.30
C THR B 110 8.62 -19.57 -11.16
N VAL B 111 9.17 -19.32 -12.36
CA VAL B 111 8.57 -18.37 -13.29
C VAL B 111 7.17 -18.82 -13.65
N ALA B 112 6.24 -17.86 -13.73
CA ALA B 112 4.86 -18.11 -14.13
C ALA B 112 4.46 -17.01 -15.10
N ALA B 113 4.04 -17.40 -16.29
CA ALA B 113 3.57 -16.42 -17.25
C ALA B 113 2.21 -15.90 -16.85
N PRO B 114 1.92 -14.62 -17.08
CA PRO B 114 0.60 -14.10 -16.79
C PRO B 114 -0.41 -14.60 -17.81
N SER B 115 -1.65 -14.70 -17.38
CA SER B 115 -2.77 -14.76 -18.31
C SER B 115 -3.32 -13.36 -18.45
N VAL B 116 -3.65 -12.97 -19.68
CA VAL B 116 -3.94 -11.58 -20.03
C VAL B 116 -5.39 -11.46 -20.45
N PHE B 117 -6.06 -10.41 -19.98
CA PHE B 117 -7.43 -10.09 -20.36
C PHE B 117 -7.54 -8.59 -20.58
N ILE B 118 -8.33 -8.20 -21.56
CA ILE B 118 -8.62 -6.78 -21.84
C ILE B 118 -10.12 -6.57 -21.71
N PHE B 119 -10.51 -5.40 -21.21
CA PHE B 119 -11.91 -5.08 -20.97
C PHE B 119 -12.23 -3.75 -21.63
N PRO B 120 -13.19 -3.70 -22.54
CA PRO B 120 -13.59 -2.44 -23.13
C PRO B 120 -14.36 -1.60 -22.12
N PRO B 121 -14.52 -0.30 -22.37
CA PRO B 121 -15.33 0.51 -21.48
C PRO B 121 -16.79 0.07 -21.53
N SER B 122 -17.48 0.28 -20.42
CA SER B 122 -18.89 -0.09 -20.38
C SER B 122 -19.73 1.02 -21.02
N ASP B 123 -20.91 0.63 -21.52
CA ASP B 123 -21.81 1.61 -22.10
C ASP B 123 -22.19 2.67 -21.07
N GLU B 124 -22.37 2.26 -19.80
CA GLU B 124 -22.71 3.21 -18.73
C GLU B 124 -21.66 4.30 -18.60
N GLN B 125 -20.38 3.90 -18.48
CA GLN B 125 -19.33 4.91 -18.35
C GLN B 125 -19.34 5.86 -19.54
N LEU B 126 -19.58 5.34 -20.74
CA LEU B 126 -19.49 6.16 -21.94
C LEU B 126 -20.53 7.30 -21.91
N LYS B 127 -21.71 7.04 -21.35
CA LYS B 127 -22.69 8.11 -21.17
C LYS B 127 -22.08 9.31 -20.47
N SER B 128 -21.14 9.07 -19.55
CA SER B 128 -20.54 10.12 -18.74
C SER B 128 -19.50 10.94 -19.49
N GLY B 129 -19.07 10.49 -20.67
CA GLY B 129 -18.13 11.26 -21.47
C GLY B 129 -16.68 10.85 -21.35
N THR B 130 -16.37 9.77 -20.63
CA THR B 130 -15.01 9.27 -20.54
C THR B 130 -15.04 7.77 -20.77
N ALA B 131 -13.93 7.24 -21.30
CA ALA B 131 -13.77 5.80 -21.51
C ALA B 131 -12.53 5.33 -20.77
N SER B 132 -12.66 4.23 -20.02
CA SER B 132 -11.54 3.54 -19.38
C SER B 132 -11.41 2.15 -19.98
N VAL B 133 -10.22 1.83 -20.48
CA VAL B 133 -9.91 0.50 -21.00
C VAL B 133 -8.96 -0.18 -20.03
N VAL B 134 -9.25 -1.42 -19.66
CA VAL B 134 -8.50 -2.08 -18.59
C VAL B 134 -7.83 -3.33 -19.13
N CYS B 135 -6.57 -3.51 -18.79
CA CYS B 135 -5.81 -4.69 -19.13
C CYS B 135 -5.38 -5.37 -17.84
N LEU B 136 -5.60 -6.69 -17.77
CA LEU B 136 -5.35 -7.46 -16.55
C LEU B 136 -4.30 -8.52 -16.83
N LEU B 137 -3.24 -8.51 -16.03
CA LEU B 137 -2.21 -9.54 -16.03
C LEU B 137 -2.36 -10.32 -14.73
N ASN B 138 -2.69 -11.61 -14.82
CA ASN B 138 -3.14 -12.40 -13.68
C ASN B 138 -2.12 -13.48 -13.33
N ASN B 139 -1.62 -13.44 -12.09
CA ASN B 139 -0.90 -14.55 -11.45
C ASN B 139 0.42 -14.88 -12.17
N PHE B 140 1.33 -13.92 -12.15
CA PHE B 140 2.62 -14.10 -12.80
C PHE B 140 3.76 -13.95 -11.79
N TYR B 141 4.92 -14.46 -12.16
CA TYR B 141 6.13 -14.34 -11.36
C TYR B 141 7.28 -14.47 -12.34
N PRO B 142 8.32 -13.63 -12.24
CA PRO B 142 8.55 -12.53 -11.28
C PRO B 142 7.71 -11.30 -11.55
N ARG B 143 7.93 -10.27 -10.74
CA ARG B 143 7.09 -9.08 -10.79
C ARG B 143 7.36 -8.21 -12.01
N GLU B 144 8.56 -8.25 -12.58
CA GLU B 144 8.87 -7.42 -13.74
C GLU B 144 8.02 -7.81 -14.93
N ALA B 145 7.33 -6.83 -15.51
CA ALA B 145 6.43 -7.06 -16.63
C ALA B 145 6.18 -5.71 -17.31
N LYS B 146 6.00 -5.75 -18.63
CA LYS B 146 5.83 -4.54 -19.43
C LYS B 146 4.51 -4.60 -20.17
N VAL B 147 3.71 -3.56 -20.03
CA VAL B 147 2.42 -3.44 -20.69
C VAL B 147 2.47 -2.22 -21.59
N GLN B 148 2.14 -2.39 -22.86
CA GLN B 148 2.04 -1.28 -23.80
C GLN B 148 0.64 -1.22 -24.38
N TRP B 149 0.08 -0.03 -24.43
CA TRP B 149 -1.21 0.22 -25.06
C TRP B 149 -1.03 0.68 -26.49
N LYS B 150 -1.87 0.16 -27.39
CA LYS B 150 -1.87 0.55 -28.79
C LYS B 150 -3.30 0.88 -29.22
N VAL B 151 -3.47 2.03 -29.88
CA VAL B 151 -4.77 2.45 -30.38
C VAL B 151 -4.62 2.58 -31.90
N ASP B 152 -5.30 1.70 -32.64
CA ASP B 152 -5.05 1.52 -34.08
C ASP B 152 -3.53 1.48 -34.33
N ASN B 153 -2.87 0.59 -33.60
CA ASN B 153 -1.44 0.29 -33.74
C ASN B 153 -0.51 1.47 -33.41
N ALA B 154 -1.02 2.56 -32.84
CA ALA B 154 -0.17 3.65 -32.38
C ALA B 154 0.10 3.50 -30.88
N LEU B 155 1.39 3.53 -30.50
CA LEU B 155 1.79 3.31 -29.12
C LEU B 155 1.39 4.47 -28.22
N GLN B 156 0.65 4.18 -27.15
CA GLN B 156 0.18 5.20 -26.24
C GLN B 156 1.25 5.54 -25.20
N SER B 157 1.17 6.76 -24.67
CA SER B 157 2.16 7.21 -23.68
C SER B 157 1.54 8.32 -22.84
N GLY B 158 1.63 8.17 -21.52
CA GLY B 158 1.21 9.22 -20.62
C GLY B 158 -0.25 9.21 -20.25
N ASN B 159 -1.03 8.30 -20.82
CA ASN B 159 -2.48 8.25 -20.56
C ASN B 159 -2.90 6.92 -19.95
N SER B 160 -1.99 6.23 -19.27
CA SER B 160 -2.34 4.99 -18.58
C SER B 160 -1.73 4.96 -17.19
N GLN B 161 -2.39 4.18 -16.31
CA GLN B 161 -1.88 3.97 -14.95
C GLN B 161 -1.99 2.51 -14.59
N GLU B 162 -1.02 2.06 -13.82
CA GLU B 162 -0.80 0.67 -13.46
C GLU B 162 -0.91 0.51 -11.96
N SER B 163 -1.32 -0.68 -11.54
CA SER B 163 -1.43 -1.05 -10.14
C SER B 163 -1.09 -2.53 -10.01
N VAL B 164 -0.25 -2.88 -9.01
CA VAL B 164 0.19 -4.24 -8.74
C VAL B 164 -0.25 -4.68 -7.35
N THR B 165 -0.74 -5.89 -7.24
CA THR B 165 -1.15 -6.43 -5.93
C THR B 165 0.09 -6.83 -5.12
N GLU B 166 -0.14 -7.08 -3.82
CA GLU B 166 0.91 -7.72 -3.03
C GLU B 166 1.07 -9.16 -3.48
N GLN B 167 2.26 -9.71 -3.27
CA GLN B 167 2.54 -11.09 -3.61
C GLN B 167 1.52 -12.01 -2.90
N ASP B 168 1.01 -12.99 -3.65
CA ASP B 168 -0.10 -13.80 -3.13
C ASP B 168 0.37 -14.74 -2.02
N SER B 169 -0.38 -14.77 -0.92
CA SER B 169 0.01 -15.64 0.21
C SER B 169 0.03 -17.12 -0.18
N LYS B 170 -0.84 -17.55 -1.09
CA LYS B 170 -0.90 -18.97 -1.44
C LYS B 170 0.11 -19.35 -2.52
N ASP B 171 -0.01 -18.77 -3.73
CA ASP B 171 0.83 -19.20 -4.84
C ASP B 171 2.01 -18.28 -5.11
N SER B 172 2.14 -17.17 -4.38
CA SER B 172 3.33 -16.32 -4.39
C SER B 172 3.50 -15.56 -5.72
N THR B 173 2.42 -15.31 -6.44
CA THR B 173 2.45 -14.54 -7.66
C THR B 173 1.93 -13.12 -7.43
N TYR B 174 2.07 -12.29 -8.46
CA TYR B 174 1.51 -10.96 -8.50
C TYR B 174 0.43 -10.87 -9.58
N SER B 175 -0.41 -9.85 -9.47
CA SER B 175 -1.31 -9.49 -10.55
C SER B 175 -1.21 -7.99 -10.78
N LEU B 176 -1.50 -7.57 -12.01
CA LEU B 176 -1.31 -6.19 -12.43
C LEU B 176 -2.52 -5.75 -13.24
N SER B 177 -3.04 -4.56 -12.96
CA SER B 177 -4.01 -3.93 -13.83
C SER B 177 -3.43 -2.64 -14.41
N SER B 178 -3.68 -2.41 -15.70
CA SER B 178 -3.33 -1.16 -16.36
C SER B 178 -4.58 -0.55 -16.96
N THR B 179 -4.82 0.71 -16.67
CA THR B 179 -6.04 1.37 -17.09
C THR B 179 -5.67 2.52 -18.03
N LEU B 180 -6.23 2.47 -19.24
CA LEU B 180 -6.04 3.51 -20.26
C LEU B 180 -7.25 4.44 -20.22
N THR B 181 -7.00 5.74 -20.10
CA THR B 181 -8.06 6.73 -19.95
C THR B 181 -8.12 7.63 -21.18
N LEU B 182 -9.28 7.64 -21.86
CA LEU B 182 -9.54 8.49 -23.02
C LEU B 182 -10.87 9.21 -22.86
N SER B 183 -10.96 10.39 -23.45
CA SER B 183 -12.27 11.01 -23.56
C SER B 183 -13.16 10.16 -24.48
N LYS B 184 -14.48 10.32 -24.30
CA LYS B 184 -15.41 9.63 -25.20
C LYS B 184 -15.17 10.02 -26.65
N ALA B 185 -14.96 11.31 -26.91
CA ALA B 185 -14.74 11.78 -28.27
C ALA B 185 -13.55 11.07 -28.91
N ASP B 186 -12.44 10.97 -28.16
CA ASP B 186 -11.23 10.34 -28.70
C ASP B 186 -11.42 8.84 -28.86
N TYR B 187 -12.12 8.21 -27.91
CA TYR B 187 -12.36 6.77 -28.00
C TYR B 187 -13.10 6.41 -29.27
N GLU B 188 -14.10 7.21 -29.65
CA GLU B 188 -14.95 6.88 -30.79
C GLU B 188 -14.28 7.16 -32.13
N LYS B 189 -13.13 7.80 -32.17
CA LYS B 189 -12.45 8.05 -33.44
C LYS B 189 -11.45 6.95 -33.80
N HIS B 190 -11.52 5.79 -33.14
CA HIS B 190 -10.59 4.71 -33.42
C HIS B 190 -11.28 3.37 -33.23
N LYS B 191 -10.66 2.33 -33.79
CA LYS B 191 -11.28 1.01 -33.89
C LYS B 191 -10.60 -0.02 -32.99
N VAL B 192 -9.31 -0.28 -33.18
CA VAL B 192 -8.64 -1.43 -32.57
C VAL B 192 -7.89 -0.96 -31.31
N TYR B 193 -8.30 -1.48 -30.16
CA TYR B 193 -7.65 -1.20 -28.89
C TYR B 193 -6.95 -2.46 -28.42
N ALA B 194 -5.70 -2.32 -27.99
CA ALA B 194 -4.85 -3.49 -27.77
C ALA B 194 -3.94 -3.27 -26.57
N CYS B 195 -3.69 -4.37 -25.87
CA CYS B 195 -2.80 -4.44 -24.72
C CYS B 195 -1.70 -5.43 -25.08
N GLU B 196 -0.43 -4.99 -25.02
CA GLU B 196 0.71 -5.83 -25.39
C GLU B 196 1.59 -6.06 -24.18
N VAL B 197 1.80 -7.33 -23.85
CA VAL B 197 2.43 -7.73 -22.59
C VAL B 197 3.70 -8.49 -22.89
N THR B 198 4.79 -8.11 -22.22
CA THR B 198 6.01 -8.90 -22.24
C THR B 198 6.37 -9.32 -20.83
N HIS B 199 6.68 -10.60 -20.67
CA HIS B 199 7.05 -11.14 -19.38
C HIS B 199 8.08 -12.23 -19.61
N GLN B 200 8.90 -12.47 -18.60
CA GLN B 200 9.96 -13.46 -18.71
C GLN B 200 9.43 -14.83 -19.11
N GLY B 201 8.24 -15.19 -18.64
CA GLY B 201 7.67 -16.48 -18.95
C GLY B 201 6.93 -16.50 -20.27
N LEU B 202 7.19 -15.51 -21.14
CA LEU B 202 6.61 -15.46 -22.47
C LEU B 202 7.74 -15.36 -23.50
N SER B 203 7.77 -16.34 -24.42
CA SER B 203 8.81 -16.36 -25.45
C SER B 203 8.72 -15.12 -26.35
N SER B 204 7.51 -14.69 -26.66
CA SER B 204 7.22 -13.55 -27.52
C SER B 204 6.09 -12.74 -26.90
N PRO B 205 6.02 -11.44 -27.18
CA PRO B 205 4.93 -10.62 -26.62
C PRO B 205 3.56 -11.20 -26.97
N VAL B 206 2.64 -11.12 -26.01
CA VAL B 206 1.26 -11.55 -26.21
C VAL B 206 0.38 -10.32 -26.31
N THR B 207 -0.49 -10.30 -27.31
CA THR B 207 -1.41 -9.19 -27.55
C THR B 207 -2.84 -9.65 -27.34
N LYS B 208 -3.60 -8.85 -26.60
CA LYS B 208 -5.04 -8.98 -26.51
C LYS B 208 -5.67 -7.69 -26.99
N SER B 209 -6.71 -7.80 -27.83
CA SER B 209 -7.32 -6.62 -28.41
C SER B 209 -8.81 -6.86 -28.63
N PHE B 210 -9.54 -5.77 -28.74
CA PHE B 210 -10.92 -5.78 -29.20
C PHE B 210 -11.11 -4.68 -30.23
N ASN B 211 -12.22 -4.78 -30.96
CA ASN B 211 -12.69 -3.80 -31.93
C ASN B 211 -13.89 -3.06 -31.36
N ARG B 212 -13.82 -1.74 -31.34
CA ARG B 212 -14.87 -0.96 -30.70
C ARG B 212 -16.21 -1.24 -31.35
N GLY B 213 -17.19 -1.62 -30.52
CA GLY B 213 -18.55 -1.83 -30.97
C GLY B 213 -18.89 -3.24 -31.38
N GLU B 214 -17.91 -4.13 -31.50
CA GLU B 214 -18.16 -5.52 -31.85
C GLU B 214 -18.00 -6.39 -30.60
N CYS B 215 -19.12 -6.84 -30.05
CA CYS B 215 -19.17 -7.91 -29.05
C CYS B 215 -18.14 -7.81 -27.92
#